data_1H7Q
#
_entry.id   1H7Q
#
_cell.length_a   47.372
_cell.length_b   142.060
_cell.length_c   81.425
_cell.angle_alpha   90.00
_cell.angle_beta   90.00
_cell.angle_gamma   90.00
#
_symmetry.space_group_name_H-M   'C 2 2 21'
#
loop_
_entity.id
_entity.type
_entity.pdbx_description
1 polymer 'SPORE COAT POLYSACCHARIDE BIOSYNTHESIS PROTEIN SPSA'
2 non-polymer 'MANGANESE (II) ION'
3 non-polymer "THYMIDINE-5'-DIPHOSPHATE"
4 non-polymer 'MAGNESIUM ION'
5 water water
#
_entity_poly.entity_id   1
_entity_poly.type   'polypeptide(L)'
_entity_poly.pdbx_seq_one_letter_code
;PKVSVIMTSYNKSDYVAKSISSILSQTFSDFELFIMDDNSNEETLNVIRPFLNDNRVRFYQSDISGVKERTEKTRYAALI
NQAIEMAEGEYITYATDDNIYMPDRLLKMVRELDTHPEKAVIYSASKTYHLNENRDIVKETVRPAAQVTWNAPCAIDHCS
VMHRYSVLEKVKEKFGSYWDESPAFYRIGDARFFWRVNHFYPFYPLDEELDLNYITDQSIHFQLFELEKNEFVRNLPPQR
NCRELRESLKKLGMG
;
_entity_poly.pdbx_strand_id   A
#
loop_
_chem_comp.id
_chem_comp.type
_chem_comp.name
_chem_comp.formula
MG non-polymer 'MAGNESIUM ION' 'Mg 2'
MN non-polymer 'MANGANESE (II) ION' 'Mn 2'
TYD non-polymer THYMIDINE-5'-DIPHOSPHATE 'C10 H16 N2 O11 P2'
#
# COMPACT_ATOMS: atom_id res chain seq x y z
N PRO A 1 -9.41 -16.20 5.13
CA PRO A 1 -9.04 -15.23 6.16
C PRO A 1 -9.86 -13.99 5.96
N LYS A 2 -10.16 -13.28 7.03
CA LYS A 2 -10.82 -12.00 6.97
C LYS A 2 -10.08 -10.89 6.16
N VAL A 3 -8.74 -10.84 6.31
CA VAL A 3 -7.91 -9.81 5.70
C VAL A 3 -6.81 -10.36 4.81
N SER A 4 -6.61 -9.75 3.65
CA SER A 4 -5.48 -10.03 2.80
C SER A 4 -4.57 -8.81 2.89
N VAL A 5 -3.37 -9.00 3.43
CA VAL A 5 -2.34 -7.97 3.49
C VAL A 5 -1.44 -8.22 2.29
N ILE A 6 -1.26 -7.20 1.48
CA ILE A 6 -0.47 -7.29 0.29
C ILE A 6 0.77 -6.44 0.45
N MET A 7 1.92 -7.11 0.54
CA MET A 7 3.14 -6.34 0.68
C MET A 7 4.03 -6.50 -0.54
N THR A 8 4.69 -5.40 -0.91
CA THR A 8 5.67 -5.45 -2.00
C THR A 8 7.08 -5.31 -1.42
N SER A 9 8.05 -5.94 -2.09
CA SER A 9 9.44 -5.99 -1.64
C SER A 9 10.41 -5.88 -2.82
N TYR A 10 11.38 -4.98 -2.71
CA TYR A 10 12.47 -4.89 -3.66
C TYR A 10 13.71 -4.30 -3.04
N ASN A 11 14.69 -5.15 -2.75
CA ASN A 11 16.02 -4.71 -2.33
C ASN A 11 16.11 -3.83 -1.11
N LYS A 12 15.33 -4.10 -0.06
CA LYS A 12 15.44 -3.33 1.18
C LYS A 12 15.85 -4.25 2.32
N SER A 13 16.99 -4.92 2.14
CA SER A 13 17.49 -5.92 3.09
C SER A 13 17.61 -5.40 4.51
N ASP A 14 17.94 -4.14 4.66
CA ASP A 14 18.10 -3.60 6.01
C ASP A 14 16.82 -3.28 6.75
N TYR A 15 15.70 -3.29 6.05
CA TYR A 15 14.43 -2.91 6.63
C TYR A 15 13.29 -3.94 6.57
N VAL A 16 13.34 -4.85 5.61
CA VAL A 16 12.18 -5.71 5.31
C VAL A 16 11.81 -6.63 6.48
N ALA A 17 12.79 -7.06 7.28
CA ALA A 17 12.47 -7.94 8.41
C ALA A 17 11.56 -7.29 9.43
N LYS A 18 11.83 -6.04 9.75
CA LYS A 18 11.05 -5.29 10.73
C LYS A 18 9.64 -5.08 10.17
N SER A 19 9.56 -4.83 8.87
CA SER A 19 8.28 -4.69 8.21
C SER A 19 7.49 -5.98 8.36
N ILE A 20 8.08 -7.09 7.95
CA ILE A 20 7.35 -8.35 7.97
C ILE A 20 6.95 -8.72 9.38
N SER A 21 7.89 -8.56 10.28
CA SER A 21 7.68 -8.90 11.67
C SER A 21 6.52 -8.10 12.32
N SER A 22 6.41 -6.84 11.95
CA SER A 22 5.32 -5.96 12.44
C SER A 22 3.93 -6.45 11.97
N ILE A 23 3.91 -7.12 10.82
CA ILE A 23 2.67 -7.74 10.33
C ILE A 23 2.37 -9.06 11.04
N LEU A 24 3.33 -9.97 11.06
CA LEU A 24 3.16 -11.28 11.68
C LEU A 24 2.83 -11.25 13.19
N SER A 25 3.21 -10.20 13.90
CA SER A 25 2.91 -10.08 15.31
C SER A 25 1.60 -9.29 15.59
N GLN A 26 0.81 -8.95 14.57
CA GLN A 26 -0.47 -8.27 14.83
C GLN A 26 -1.37 -9.01 15.80
N THR A 27 -2.04 -8.27 16.68
CA THR A 27 -3.02 -8.82 17.61
C THR A 27 -4.18 -9.49 16.84
N PHE A 28 -4.61 -8.92 15.71
CA PHE A 28 -5.56 -9.58 14.82
C PHE A 28 -4.79 -10.55 13.92
N SER A 29 -5.04 -11.85 14.06
CA SER A 29 -4.19 -12.84 13.43
C SER A 29 -4.83 -13.50 12.20
N ASP A 30 -6.09 -13.18 11.92
CA ASP A 30 -6.83 -13.83 10.81
C ASP A 30 -6.62 -13.15 9.46
N PHE A 31 -5.40 -13.28 8.97
CA PHE A 31 -5.02 -12.71 7.68
C PHE A 31 -4.13 -13.63 6.87
N GLU A 32 -4.05 -13.37 5.57
CA GLU A 32 -3.01 -13.96 4.75
C GLU A 32 -2.05 -12.80 4.40
N LEU A 33 -0.75 -13.05 4.39
CA LEU A 33 0.24 -12.05 3.94
C LEU A 33 0.93 -12.40 2.65
N PHE A 34 0.62 -11.66 1.60
CA PHE A 34 1.31 -11.82 0.33
C PHE A 34 2.60 -11.05 0.40
N ILE A 35 3.72 -11.76 0.25
CA ILE A 35 4.98 -11.09 0.07
C ILE A 35 5.34 -11.20 -1.40
N MET A 36 5.14 -10.10 -2.13
CA MET A 36 5.37 -10.02 -3.56
C MET A 36 6.73 -9.39 -3.74
N ASP A 37 7.74 -10.23 -3.86
CA ASP A 37 9.09 -9.75 -4.06
C ASP A 37 9.38 -9.62 -5.54
N ASP A 38 10.00 -8.53 -5.93
CA ASP A 38 10.18 -8.23 -7.35
C ASP A 38 11.54 -8.66 -7.85
N ASN A 39 11.98 -9.83 -7.40
CA ASN A 39 13.26 -10.44 -7.79
C ASN A 39 14.45 -9.67 -7.22
N SER A 40 14.48 -9.55 -5.88
CA SER A 40 15.50 -8.80 -5.17
C SER A 40 16.83 -9.53 -5.11
N ASN A 41 17.85 -8.81 -4.62
CA ASN A 41 19.17 -9.40 -4.43
C ASN A 41 19.24 -10.48 -3.32
N GLU A 42 20.38 -11.16 -3.29
CA GLU A 42 20.65 -12.23 -2.35
C GLU A 42 20.46 -11.81 -0.90
N GLU A 43 21.05 -10.70 -0.54
CA GLU A 43 20.93 -10.21 0.82
C GLU A 43 19.46 -10.06 1.27
N THR A 44 18.59 -9.55 0.41
CA THR A 44 17.16 -9.35 0.70
C THR A 44 16.40 -10.65 0.80
N LEU A 45 16.63 -11.48 -0.20
CA LEU A 45 15.98 -12.75 -0.24
C LEU A 45 16.31 -13.52 1.06
N ASN A 46 17.55 -13.45 1.50
CA ASN A 46 17.98 -14.22 2.68
C ASN A 46 17.38 -13.71 4.01
N VAL A 47 17.14 -12.41 4.10
CA VAL A 47 16.44 -11.82 5.24
C VAL A 47 14.95 -12.25 5.23
N ILE A 48 14.35 -12.37 4.05
CA ILE A 48 12.93 -12.71 3.96
C ILE A 48 12.75 -14.17 4.27
N ARG A 49 13.70 -14.99 3.80
CA ARG A 49 13.58 -16.45 3.89
C ARG A 49 12.99 -17.14 5.15
N PRO A 50 13.47 -16.82 6.34
CA PRO A 50 12.90 -17.40 7.57
C PRO A 50 11.41 -17.12 7.81
N PHE A 51 10.92 -15.97 7.34
CA PHE A 51 9.50 -15.62 7.52
C PHE A 51 8.58 -16.49 6.68
N LEU A 52 9.12 -17.13 5.67
CA LEU A 52 8.32 -18.01 4.80
C LEU A 52 7.79 -19.24 5.55
N ASN A 53 8.42 -19.53 6.69
CA ASN A 53 8.00 -20.59 7.61
C ASN A 53 6.66 -20.31 8.32
N ASP A 54 6.19 -19.06 8.26
CA ASP A 54 4.92 -18.69 8.90
C ASP A 54 3.83 -19.11 7.92
N ASN A 55 2.88 -19.95 8.38
CA ASN A 55 1.85 -20.54 7.51
C ASN A 55 0.89 -19.53 6.88
N ARG A 56 0.89 -18.29 7.35
CA ARG A 56 0.06 -17.28 6.73
C ARG A 56 0.68 -16.56 5.54
N VAL A 57 1.96 -16.75 5.30
CA VAL A 57 2.66 -16.00 4.28
C VAL A 57 2.55 -16.69 2.96
N ARG A 58 2.16 -15.93 1.94
CA ARG A 58 2.08 -16.42 0.58
C ARG A 58 3.15 -15.64 -0.21
N PHE A 59 4.29 -16.28 -0.43
CA PHE A 59 5.40 -15.65 -1.09
C PHE A 59 5.40 -15.88 -2.62
N TYR A 60 5.56 -14.80 -3.36
CA TYR A 60 5.69 -14.84 -4.84
C TYR A 60 6.89 -13.96 -5.22
N GLN A 61 7.76 -14.49 -6.06
CA GLN A 61 8.93 -13.80 -6.57
C GLN A 61 8.81 -13.69 -8.09
N SER A 62 8.90 -12.47 -8.60
CA SER A 62 8.91 -12.24 -10.04
C SER A 62 10.24 -12.70 -10.67
N ASP A 63 10.31 -12.62 -12.01
CA ASP A 63 11.54 -12.96 -12.78
C ASP A 63 12.08 -11.68 -13.39
N ILE A 64 11.53 -10.54 -13.00
CA ILE A 64 11.91 -9.25 -13.58
C ILE A 64 13.39 -9.00 -13.49
N SER A 65 13.94 -8.46 -14.57
CA SER A 65 15.36 -8.15 -14.57
C SER A 65 15.74 -7.10 -15.60
N GLY A 66 16.49 -6.10 -15.18
CA GLY A 66 16.98 -5.06 -16.09
C GLY A 66 16.10 -3.82 -16.20
N VAL A 67 16.69 -2.76 -16.73
CA VAL A 67 16.04 -1.45 -16.82
C VAL A 67 14.78 -1.44 -17.70
N LYS A 68 14.78 -2.15 -18.81
CA LYS A 68 13.57 -2.19 -19.64
C LYS A 68 12.37 -2.73 -18.82
N GLU A 69 12.51 -3.91 -18.23
CA GLU A 69 11.40 -4.51 -17.45
C GLU A 69 11.00 -3.71 -16.22
N ARG A 70 11.96 -3.11 -15.53
CA ARG A 70 11.64 -2.31 -14.32
C ARG A 70 10.95 -1.00 -14.63
N THR A 71 11.04 -0.53 -15.89
CA THR A 71 10.44 0.75 -16.28
C THR A 71 9.22 0.62 -17.26
N GLU A 72 8.92 -0.61 -17.68
CA GLU A 72 7.79 -0.92 -18.56
C GLU A 72 6.45 -0.66 -17.85
N LYS A 73 6.38 -0.98 -16.55
CA LYS A 73 5.20 -0.76 -15.71
C LYS A 73 5.64 -0.24 -14.35
N THR A 74 4.69 0.33 -13.62
CA THR A 74 4.89 0.65 -12.21
C THR A 74 4.85 -0.71 -11.52
N ARG A 75 6.04 -1.19 -11.16
CA ARG A 75 6.18 -2.56 -10.71
C ARG A 75 5.30 -2.92 -9.51
N TYR A 76 5.27 -2.07 -8.50
CA TYR A 76 4.49 -2.42 -7.32
C TYR A 76 3.00 -2.53 -7.67
N ALA A 77 2.50 -1.68 -8.56
CA ALA A 77 1.11 -1.77 -8.96
C ALA A 77 0.84 -3.09 -9.68
N ALA A 78 1.74 -3.51 -10.59
CA ALA A 78 1.60 -4.82 -11.21
C ALA A 78 1.58 -5.93 -10.20
N LEU A 79 2.49 -5.87 -9.20
CA LEU A 79 2.54 -6.89 -8.19
C LEU A 79 1.27 -6.88 -7.37
N ILE A 80 0.81 -5.68 -7.00
CA ILE A 80 -0.36 -5.57 -6.16
C ILE A 80 -1.52 -6.17 -6.95
N ASN A 81 -1.69 -5.78 -8.21
CA ASN A 81 -2.75 -6.33 -9.06
C ASN A 81 -2.74 -7.87 -9.13
N GLN A 82 -1.56 -8.47 -9.21
CA GLN A 82 -1.39 -9.92 -9.16
C GLN A 82 -1.90 -10.56 -7.86
N ALA A 83 -1.54 -9.95 -6.74
CA ALA A 83 -1.98 -10.41 -5.46
C ALA A 83 -3.50 -10.29 -5.33
N ILE A 84 -4.07 -9.17 -5.77
CA ILE A 84 -5.52 -8.96 -5.67
C ILE A 84 -6.26 -10.12 -6.29
N GLU A 85 -5.77 -10.59 -7.42
CA GLU A 85 -6.38 -11.68 -8.17
C GLU A 85 -6.33 -13.02 -7.41
N MET A 86 -5.35 -13.16 -6.50
CA MET A 86 -5.25 -14.36 -5.67
C MET A 86 -5.86 -14.16 -4.27
N ALA A 87 -6.29 -12.96 -3.92
CA ALA A 87 -6.69 -12.72 -2.53
C ALA A 87 -8.03 -13.36 -2.12
N GLU A 88 -8.08 -13.89 -0.91
CA GLU A 88 -9.27 -14.53 -0.38
C GLU A 88 -9.98 -13.72 0.72
N GLY A 89 -9.36 -12.62 1.16
CA GLY A 89 -9.94 -11.81 2.21
C GLY A 89 -11.12 -10.94 1.82
N GLU A 90 -12.01 -10.75 2.80
CA GLU A 90 -13.11 -9.84 2.69
C GLU A 90 -12.57 -8.41 2.71
N TYR A 91 -11.51 -8.17 3.48
CA TYR A 91 -10.91 -6.82 3.53
C TYR A 91 -9.49 -6.84 2.95
N ILE A 92 -9.09 -5.77 2.30
CA ILE A 92 -7.79 -5.70 1.63
C ILE A 92 -7.01 -4.55 2.25
N THR A 93 -5.71 -4.74 2.48
CA THR A 93 -4.86 -3.67 2.98
C THR A 93 -3.46 -3.82 2.39
N TYR A 94 -2.70 -2.73 2.39
CA TYR A 94 -1.38 -2.71 1.76
C TYR A 94 -0.21 -2.44 2.74
N ALA A 95 0.95 -3.05 2.42
CA ALA A 95 2.17 -2.90 3.20
C ALA A 95 3.36 -2.84 2.25
N THR A 96 4.47 -2.32 2.76
CA THR A 96 5.69 -2.26 2.00
C THR A 96 6.83 -2.68 2.88
N ASP A 97 7.95 -2.89 2.21
CA ASP A 97 9.18 -3.31 2.84
C ASP A 97 9.92 -2.23 3.64
N ASP A 98 9.48 -0.97 3.59
CA ASP A 98 10.05 0.11 4.39
C ASP A 98 9.02 0.76 5.37
N ASN A 99 7.89 0.09 5.63
CA ASN A 99 6.83 0.66 6.48
C ASN A 99 6.53 -0.30 7.59
N ILE A 100 6.25 0.23 8.78
CA ILE A 100 5.96 -0.59 9.95
C ILE A 100 4.52 -0.44 10.44
N TYR A 101 3.83 -1.56 10.61
CA TYR A 101 2.49 -1.56 11.18
C TYR A 101 2.57 -1.48 12.73
N MET A 102 1.78 -0.63 13.37
CA MET A 102 1.63 -0.67 14.82
C MET A 102 0.82 -1.95 15.17
N PRO A 103 1.07 -2.55 16.33
CA PRO A 103 0.49 -3.83 16.74
C PRO A 103 -1.05 -3.99 16.68
N ASP A 104 -1.80 -2.93 16.95
CA ASP A 104 -3.25 -3.05 16.94
C ASP A 104 -3.88 -2.55 15.60
N ARG A 105 -3.04 -2.29 14.58
CA ARG A 105 -3.55 -1.81 13.29
C ARG A 105 -4.72 -2.63 12.70
N LEU A 106 -4.47 -3.92 12.46
CA LEU A 106 -5.47 -4.77 11.80
C LEU A 106 -6.72 -4.89 12.67
N LEU A 107 -6.51 -5.09 13.95
CA LEU A 107 -7.62 -5.18 14.88
C LEU A 107 -8.50 -3.91 14.77
N LYS A 108 -7.90 -2.72 14.85
CA LYS A 108 -8.70 -1.50 14.89
C LYS A 108 -9.42 -1.24 13.54
N MET A 109 -8.75 -1.53 12.44
CA MET A 109 -9.33 -1.32 11.10
C MET A 109 -10.45 -2.31 10.78
N VAL A 110 -10.21 -3.58 11.09
CA VAL A 110 -11.24 -4.59 10.91
C VAL A 110 -12.51 -4.23 11.74
N ARG A 111 -12.32 -3.80 12.97
CA ARG A 111 -13.43 -3.39 13.84
C ARG A 111 -14.22 -2.23 13.26
N GLU A 112 -13.53 -1.29 12.65
CA GLU A 112 -14.18 -0.14 12.06
C GLU A 112 -15.10 -0.56 10.93
N LEU A 113 -14.61 -1.40 10.03
CA LEU A 113 -15.39 -1.88 8.90
C LEU A 113 -16.48 -2.87 9.34
N ASP A 114 -16.20 -3.66 10.35
CA ASP A 114 -17.21 -4.60 10.83
C ASP A 114 -18.37 -3.84 11.44
N THR A 115 -18.05 -2.73 12.06
CA THR A 115 -19.03 -1.98 12.81
C THR A 115 -19.88 -1.09 11.94
N HIS A 116 -19.28 -0.59 10.85
CA HIS A 116 -19.93 0.39 9.97
C HIS A 116 -20.06 -0.10 8.53
N PRO A 117 -21.15 -0.80 8.23
CA PRO A 117 -21.38 -1.36 6.89
C PRO A 117 -21.43 -0.31 5.80
N GLU A 118 -21.74 0.92 6.18
CA GLU A 118 -21.82 2.00 5.24
C GLU A 118 -20.44 2.53 4.82
N LYS A 119 -19.39 2.26 5.58
CA LYS A 119 -18.04 2.69 5.20
C LYS A 119 -17.37 1.59 4.34
N ALA A 120 -16.79 1.94 3.20
CA ALA A 120 -16.14 0.93 2.37
C ALA A 120 -14.62 1.02 2.34
N VAL A 121 -14.11 2.24 2.51
CA VAL A 121 -12.68 2.51 2.54
C VAL A 121 -12.39 3.27 3.83
N ILE A 122 -11.41 2.80 4.59
CA ILE A 122 -10.99 3.55 5.77
C ILE A 122 -9.51 3.83 5.74
N TYR A 123 -9.11 4.88 6.45
CA TYR A 123 -7.69 5.23 6.55
C TYR A 123 -7.31 5.73 7.95
N SER A 124 -6.07 5.49 8.35
CA SER A 124 -5.60 5.94 9.63
C SER A 124 -4.58 7.02 9.45
N ALA A 125 -4.15 7.55 10.58
CA ALA A 125 -3.08 8.50 10.57
C ALA A 125 -1.80 7.71 10.43
N SER A 126 -0.73 8.36 10.00
CA SER A 126 0.56 7.73 9.80
C SER A 126 1.64 8.64 10.36
N LYS A 127 2.72 8.05 10.86
CA LYS A 127 3.84 8.82 11.39
C LYS A 127 5.20 8.47 10.73
N THR A 128 6.03 9.48 10.49
CA THR A 128 7.36 9.30 9.91
C THR A 128 8.37 9.91 10.86
N TYR A 129 9.38 9.11 11.23
CA TYR A 129 10.51 9.52 12.04
C TYR A 129 11.72 9.80 11.12
N HIS A 130 12.17 11.04 11.16
CA HIS A 130 13.32 11.53 10.38
C HIS A 130 14.51 11.33 11.25
N LEU A 131 15.49 10.60 10.74
CA LEU A 131 16.63 10.22 11.55
C LEU A 131 17.93 10.90 11.19
N ASN A 132 18.77 11.01 12.22
CA ASN A 132 20.08 11.65 12.13
C ASN A 132 20.72 11.77 13.52
N ASP A 136 19.80 10.21 16.52
CA ASP A 136 18.51 9.64 16.90
C ASP A 136 17.40 10.37 16.07
N ILE A 137 16.31 10.81 16.70
CA ILE A 137 15.21 11.49 15.98
C ILE A 137 15.34 12.99 15.92
N VAL A 138 15.34 13.54 14.73
CA VAL A 138 15.43 14.98 14.62
C VAL A 138 14.08 15.61 14.30
N LYS A 139 13.18 14.84 13.71
CA LYS A 139 11.92 15.37 13.20
C LYS A 139 10.87 14.25 13.21
N GLU A 140 9.61 14.58 13.52
CA GLU A 140 8.53 13.61 13.42
C GLU A 140 7.47 14.28 12.57
N THR A 141 6.97 13.58 11.58
CA THR A 141 5.92 14.10 10.72
C THR A 141 4.68 13.21 10.83
N VAL A 142 3.53 13.81 11.12
CA VAL A 142 2.31 13.04 11.19
C VAL A 142 1.34 13.48 10.10
N ARG A 143 0.76 12.49 9.44
CA ARG A 143 -0.26 12.66 8.43
C ARG A 143 -1.57 12.32 9.12
N PRO A 144 -2.43 13.30 9.33
CA PRO A 144 -3.62 13.13 10.13
C PRO A 144 -4.70 12.40 9.38
N ALA A 145 -5.70 11.87 10.10
CA ALA A 145 -6.88 11.28 9.51
C ALA A 145 -8.05 11.91 10.29
N ALA A 146 -8.42 13.14 9.94
CA ALA A 146 -9.43 13.88 10.70
C ALA A 146 -10.78 14.04 10.01
N GLN A 147 -10.82 13.77 8.72
CA GLN A 147 -12.06 13.96 8.00
C GLN A 147 -12.26 12.96 6.92
N VAL A 148 -13.53 12.75 6.63
CA VAL A 148 -13.97 11.93 5.51
C VAL A 148 -13.54 12.67 4.25
N THR A 149 -12.95 11.97 3.28
CA THR A 149 -12.45 12.72 2.12
C THR A 149 -12.67 12.04 0.81
N TRP A 150 -13.12 12.87 -0.13
CA TRP A 150 -13.33 12.48 -1.51
C TRP A 150 -12.09 12.80 -2.36
N ASN A 151 -11.03 13.30 -1.73
CA ASN A 151 -9.81 13.72 -2.42
C ASN A 151 -8.57 13.18 -1.71
N ALA A 152 -8.42 11.86 -1.72
CA ALA A 152 -7.27 11.18 -1.09
C ALA A 152 -5.87 11.36 -1.70
N PRO A 153 -5.76 11.49 -3.02
CA PRO A 153 -4.44 11.52 -3.66
C PRO A 153 -3.48 12.46 -3.01
N CYS A 154 -2.31 11.92 -2.69
CA CYS A 154 -1.25 12.66 -2.05
C CYS A 154 -1.56 13.14 -0.63
N ALA A 155 -2.77 12.92 -0.12
CA ALA A 155 -3.07 13.27 1.27
C ALA A 155 -2.98 12.04 2.20
N ILE A 156 -3.14 10.87 1.61
CA ILE A 156 -3.18 9.61 2.34
C ILE A 156 -2.16 8.61 1.73
N ASP A 157 -1.38 7.95 2.56
CA ASP A 157 -0.38 7.03 2.07
C ASP A 157 -0.89 5.63 1.78
N HIS A 158 -0.22 5.02 0.79
CA HIS A 158 -0.20 3.62 0.45
C HIS A 158 -0.51 2.71 1.61
N CYS A 159 0.28 2.87 2.66
CA CYS A 159 0.23 1.95 3.83
C CYS A 159 -0.83 2.31 4.94
N SER A 160 -1.68 3.30 4.73
CA SER A 160 -2.62 3.73 5.76
C SER A 160 -4.08 3.34 5.50
N VAL A 161 -4.33 2.40 4.59
CA VAL A 161 -5.71 2.15 4.22
C VAL A 161 -6.15 0.71 4.29
N MET A 162 -7.43 0.49 4.51
CA MET A 162 -8.01 -0.85 4.41
C MET A 162 -9.33 -0.69 3.65
N HIS A 163 -9.68 -1.62 2.79
CA HIS A 163 -11.00 -1.50 2.16
C HIS A 163 -11.63 -2.83 1.88
N ARG A 164 -12.96 -2.79 1.68
CA ARG A 164 -13.72 -3.95 1.32
C ARG A 164 -13.28 -4.41 -0.03
N TYR A 165 -13.24 -5.71 -0.19
CA TYR A 165 -12.91 -6.26 -1.47
C TYR A 165 -13.83 -5.73 -2.58
N SER A 166 -15.08 -5.43 -2.23
CA SER A 166 -16.11 -5.08 -3.23
C SER A 166 -15.76 -3.76 -3.91
N VAL A 167 -14.96 -2.95 -3.23
CA VAL A 167 -14.49 -1.71 -3.85
C VAL A 167 -13.77 -2.06 -5.15
N LEU A 168 -12.98 -3.13 -5.13
CA LEU A 168 -12.16 -3.47 -6.30
C LEU A 168 -12.96 -3.73 -7.58
N GLU A 169 -14.13 -4.36 -7.45
CA GLU A 169 -15.03 -4.60 -8.57
C GLU A 169 -15.38 -3.32 -9.30
N LYS A 170 -15.89 -2.35 -8.54
CA LYS A 170 -16.27 -1.10 -9.15
C LYS A 170 -15.15 -0.47 -9.93
N VAL A 171 -13.95 -0.49 -9.34
CA VAL A 171 -12.81 0.18 -9.94
C VAL A 171 -12.44 -0.47 -11.25
N LYS A 172 -12.41 -1.80 -11.24
CA LYS A 172 -12.07 -2.57 -12.44
C LYS A 172 -13.11 -2.35 -13.52
N GLU A 173 -14.39 -2.36 -13.14
CA GLU A 173 -15.46 -2.13 -14.09
C GLU A 173 -15.21 -0.86 -14.91
N LYS A 174 -14.79 0.22 -14.26
CA LYS A 174 -14.57 1.46 -14.99
C LYS A 174 -13.21 1.65 -15.65
N PHE A 175 -12.15 1.13 -15.04
CA PHE A 175 -10.84 1.46 -15.54
C PHE A 175 -10.10 0.31 -16.21
N GLY A 176 -10.62 -0.91 -16.13
CA GLY A 176 -9.97 -2.06 -16.76
C GLY A 176 -8.98 -2.81 -15.86
N SER A 177 -8.63 -2.24 -14.71
CA SER A 177 -7.67 -2.89 -13.81
C SER A 177 -7.88 -2.29 -12.42
N TYR A 178 -7.14 -2.78 -11.42
CA TYR A 178 -7.32 -2.27 -10.09
C TYR A 178 -6.38 -1.11 -9.89
N TRP A 179 -5.12 -1.41 -9.57
CA TRP A 179 -4.12 -0.38 -9.54
C TRP A 179 -3.69 -0.09 -11.01
N ASP A 180 -3.22 1.12 -11.25
CA ASP A 180 -2.81 1.59 -12.59
C ASP A 180 -1.34 1.21 -12.83
N GLU A 181 -1.08 0.31 -13.75
CA GLU A 181 0.33 -0.08 -13.99
C GLU A 181 1.15 0.88 -14.86
N SER A 182 0.53 1.96 -15.33
CA SER A 182 1.23 2.89 -16.22
C SER A 182 2.40 3.50 -15.50
N PRO A 183 3.56 3.45 -16.15
CA PRO A 183 4.78 3.96 -15.51
C PRO A 183 4.84 5.47 -15.38
N ALA A 184 3.87 6.18 -15.97
CA ALA A 184 3.75 7.61 -15.81
C ALA A 184 3.35 7.92 -14.38
N PHE A 185 2.80 6.94 -13.67
CA PHE A 185 2.47 7.14 -12.26
C PHE A 185 3.37 6.36 -11.31
N TYR A 186 4.64 6.27 -11.66
CA TYR A 186 5.57 5.51 -10.86
C TYR A 186 5.82 6.08 -9.49
N ARG A 187 5.94 7.40 -9.38
CA ARG A 187 6.26 8.03 -8.12
C ARG A 187 5.10 8.09 -7.12
N ILE A 188 3.88 8.09 -7.64
CA ILE A 188 2.67 8.28 -6.81
C ILE A 188 1.59 7.26 -7.18
N GLY A 189 1.99 6.00 -7.30
CA GLY A 189 1.06 4.95 -7.70
C GLY A 189 -0.10 4.79 -6.73
N ASP A 190 0.19 4.94 -5.45
CA ASP A 190 -0.88 4.86 -4.44
C ASP A 190 -1.92 5.96 -4.69
N ALA A 191 -1.44 7.15 -4.99
CA ALA A 191 -2.32 8.28 -5.24
C ALA A 191 -3.23 8.03 -6.45
N ARG A 192 -2.66 7.40 -7.47
CA ARG A 192 -3.40 7.10 -8.66
C ARG A 192 -4.47 6.04 -8.41
N PHE A 193 -4.16 5.05 -7.59
CA PHE A 193 -5.18 4.04 -7.26
C PHE A 193 -6.22 4.71 -6.39
N PHE A 194 -5.79 5.52 -5.43
CA PHE A 194 -6.77 6.21 -4.58
C PHE A 194 -7.67 7.09 -5.47
N TRP A 195 -7.10 7.65 -6.53
CA TRP A 195 -7.85 8.52 -7.48
C TRP A 195 -8.96 7.75 -8.14
N ARG A 196 -8.65 6.52 -8.53
CA ARG A 196 -9.69 5.67 -9.08
C ARG A 196 -10.80 5.37 -8.05
N VAL A 197 -10.42 4.98 -6.84
CA VAL A 197 -11.40 4.64 -5.82
C VAL A 197 -12.33 5.81 -5.54
N ASN A 198 -11.74 7.01 -5.53
CA ASN A 198 -12.42 8.27 -5.24
C ASN A 198 -13.43 8.66 -6.32
N HIS A 199 -13.47 7.92 -7.40
CA HIS A 199 -14.55 8.09 -8.36
C HIS A 199 -15.86 7.56 -7.78
N PHE A 200 -15.78 6.68 -6.79
CA PHE A 200 -16.96 6.01 -6.26
C PHE A 200 -17.11 6.00 -4.73
N TYR A 201 -16.01 6.17 -4.00
CA TYR A 201 -16.03 6.07 -2.56
C TYR A 201 -15.20 7.12 -1.92
N PRO A 202 -15.69 7.64 -0.81
CA PRO A 202 -14.93 8.49 0.08
C PRO A 202 -14.11 7.63 1.04
N PHE A 203 -13.07 8.21 1.63
CA PHE A 203 -12.20 7.54 2.58
C PHE A 203 -12.59 7.98 3.99
N TYR A 204 -12.95 7.02 4.86
CA TYR A 204 -13.31 7.31 6.24
C TYR A 204 -12.12 7.17 7.17
N PRO A 205 -11.94 8.16 8.04
CA PRO A 205 -10.80 8.33 8.97
C PRO A 205 -10.87 7.42 10.23
N LEU A 206 -9.69 7.10 10.71
CA LEU A 206 -9.39 6.54 11.99
C LEU A 206 -8.30 7.38 12.61
N ASP A 207 -8.78 8.33 13.44
CA ASP A 207 -7.83 9.24 14.06
C ASP A 207 -6.83 8.58 15.00
N GLU A 208 -6.13 7.59 14.43
CA GLU A 208 -5.10 6.94 15.22
C GLU A 208 -3.89 6.65 14.31
N GLU A 209 -2.72 6.78 14.96
CA GLU A 209 -1.51 6.51 14.21
C GLU A 209 -1.16 5.00 14.15
N LEU A 210 -1.46 4.38 13.03
CA LEU A 210 -1.39 2.91 12.97
C LEU A 210 -0.28 2.33 12.08
N ASP A 211 0.46 3.20 11.37
CA ASP A 211 1.66 2.81 10.62
C ASP A 211 2.75 3.87 10.79
N LEU A 212 3.96 3.41 10.61
CA LEU A 212 5.23 4.02 10.98
C LEU A 212 6.21 4.04 9.80
N ASN A 213 6.88 5.13 9.45
CA ASN A 213 8.01 5.09 8.53
C ASN A 213 9.26 5.71 9.17
N TYR A 214 10.43 5.18 8.84
CA TYR A 214 11.70 5.76 9.28
C TYR A 214 12.46 6.22 8.07
N ILE A 215 12.98 7.45 8.12
CA ILE A 215 13.79 7.94 7.03
C ILE A 215 14.95 8.74 7.57
N THR A 216 15.96 8.89 6.74
CA THR A 216 17.07 9.73 7.16
C THR A 216 16.66 11.14 6.70
N ASP A 217 16.89 12.12 7.56
CA ASP A 217 16.53 13.51 7.32
C ASP A 217 17.38 14.09 6.20
N ASN A 230 20.76 7.41 -12.04
CA ASN A 230 20.52 5.99 -12.24
C ASN A 230 20.07 5.74 -13.67
N GLU A 231 20.37 4.56 -14.21
CA GLU A 231 19.86 4.19 -15.54
C GLU A 231 18.37 4.03 -15.35
N PHE A 232 17.95 3.79 -14.10
CA PHE A 232 16.53 3.60 -13.84
C PHE A 232 15.79 4.91 -14.01
N VAL A 233 16.21 5.93 -13.26
CA VAL A 233 15.48 7.19 -13.34
C VAL A 233 15.43 7.67 -14.78
N ARG A 234 16.54 7.51 -15.52
CA ARG A 234 16.59 8.09 -16.86
C ARG A 234 15.74 7.39 -17.90
N ASN A 235 15.13 6.25 -17.55
CA ASN A 235 14.32 5.50 -18.51
C ASN A 235 12.83 5.43 -18.22
N LEU A 236 12.34 6.29 -17.34
CA LEU A 236 10.90 6.36 -17.14
C LEU A 236 10.39 7.48 -17.98
N PRO A 237 9.11 7.41 -18.30
CA PRO A 237 8.41 8.46 -19.01
C PRO A 237 8.21 9.66 -18.06
N PRO A 238 7.83 10.81 -18.59
CA PRO A 238 7.53 11.98 -17.76
C PRO A 238 6.54 11.62 -16.66
N GLN A 239 6.77 12.05 -15.43
CA GLN A 239 5.92 11.63 -14.32
C GLN A 239 4.77 12.58 -14.05
N ARG A 240 3.56 12.05 -14.10
CA ARG A 240 2.37 12.84 -13.79
C ARG A 240 2.29 13.07 -12.28
N ASN A 241 1.68 14.17 -11.85
CA ASN A 241 1.78 14.56 -10.46
C ASN A 241 0.47 14.70 -9.68
N CYS A 242 0.61 15.03 -8.41
CA CYS A 242 -0.49 15.06 -7.50
C CYS A 242 -1.51 16.10 -7.94
N ARG A 243 -1.04 17.31 -8.22
CA ARG A 243 -1.96 18.40 -8.56
C ARG A 243 -2.91 17.99 -9.64
N GLU A 244 -2.38 17.30 -10.64
CA GLU A 244 -3.20 16.86 -11.74
C GLU A 244 -4.35 16.04 -11.18
N LEU A 245 -4.04 15.08 -10.29
CA LEU A 245 -5.06 14.19 -9.75
C LEU A 245 -6.08 14.89 -8.87
N ARG A 246 -5.61 15.84 -8.07
CA ARG A 246 -6.46 16.52 -7.11
C ARG A 246 -7.47 17.41 -7.85
N GLU A 247 -7.00 18.04 -8.94
CA GLU A 247 -7.84 18.97 -9.69
C GLU A 247 -8.93 18.23 -10.46
N SER A 248 -8.60 17.07 -11.01
CA SER A 248 -9.54 16.21 -11.72
C SER A 248 -10.63 15.72 -10.76
N LEU A 249 -10.25 15.36 -9.55
CA LEU A 249 -11.23 14.97 -8.53
C LEU A 249 -12.06 16.20 -8.12
N LYS A 250 -11.45 17.37 -8.00
CA LYS A 250 -12.24 18.53 -7.58
C LYS A 250 -13.29 18.83 -8.65
N LYS A 251 -12.90 18.71 -9.92
CA LYS A 251 -13.78 18.94 -11.08
C LYS A 251 -14.83 17.85 -11.12
N LEU A 252 -14.38 16.63 -10.89
CA LEU A 252 -15.29 15.50 -10.81
C LEU A 252 -16.45 15.87 -9.88
N GLY A 253 -16.16 16.62 -8.81
CA GLY A 253 -17.16 17.08 -7.87
C GLY A 253 -18.05 16.05 -7.19
N MET A 254 -17.46 15.06 -6.52
CA MET A 254 -18.23 14.04 -5.85
C MET A 254 -18.60 14.48 -4.43
N GLY A 255 -17.76 15.37 -3.88
CA GLY A 255 -18.02 15.92 -2.57
C GLY A 255 -17.97 17.45 -2.57
MN MN B . 9.29 3.62 0.15
PA TYD C . 9.86 2.59 -3.00
O1A TYD C . 11.26 2.42 -3.52
O2A TYD C . 9.63 2.48 -1.53
O3A TYD C . 9.22 3.97 -3.49
PB TYD C . 9.04 5.24 -2.53
O1B TYD C . 7.59 5.64 -2.58
O2B TYD C . 10.02 6.13 -3.25
O3B TYD C . 9.44 4.96 -1.09
O5' TYD C . 8.99 1.48 -3.82
C5' TYD C . 7.63 1.21 -3.51
C4' TYD C . 7.45 -0.30 -3.49
O4' TYD C . 7.75 -0.78 -4.81
C3' TYD C . 8.43 -0.96 -2.53
O3' TYD C . 7.68 -1.87 -1.71
C2' TYD C . 9.42 -1.63 -3.46
C1' TYD C . 8.59 -1.91 -4.71
N1 TYD C . 9.31 -2.03 -5.97
C2 TYD C . 9.12 -3.10 -6.74
O2 TYD C . 8.31 -4.01 -6.42
N3 TYD C . 9.77 -3.20 -7.91
C4 TYD C . 10.63 -2.26 -8.31
O4 TYD C . 11.26 -2.37 -9.35
C5 TYD C . 10.87 -1.10 -7.48
C5M TYD C . 11.84 -0.01 -7.94
C6 TYD C . 10.18 -1.06 -6.30
MG MG D . -21.84 3.96 11.20
MG MG E . 4.91 7.19 -1.84
#